data_1K21
#
_entry.id   1K21
#
_cell.length_a   69.619
_cell.length_b   71.546
_cell.length_c   71.821
_cell.angle_alpha   90.00
_cell.angle_beta   100.12
_cell.angle_gamma   90.00
#
_symmetry.space_group_name_H-M   'C 1 2 1'
#
loop_
_entity.id
_entity.type
_entity.pdbx_description
1 polymer Prothrombin
2 polymer Prothrombin
3 polymer 'Hirudin variant-2'
4 branched 2-acetamido-2-deoxy-beta-D-glucopyranose-(1-4)-2-acetamido-2-deoxy-beta-D-glucopyranose
5 non-polymer 'SODIUM ION'
6 non-polymer '{[(1R)-2-((2S)-2-{[(3-{[AMINO(IMINO)METHYL]AMINO}PROPYL)AMINO]CARBONYL}PIPERIDINYL)-1-(CYCLOHEXYLMETHYL)-2-OXOETHYL]AMINO}ACETIC ACID'
7 water water
#
loop_
_entity_poly.entity_id
_entity_poly.type
_entity_poly.pdbx_seq_one_letter_code
_entity_poly.pdbx_strand_id
1 'polypeptide(L)' TFGSGEADCGLRPLFEKKSLEDKTERELLESYIDGR L
2 'polypeptide(L)'
;IVEGSDAEIGMSPWQVMLFRKSPQELLCGASLISDRWVLTAAHCLLYPPWDKNFTENDLLVRIGKHSRTRYERNIEKISM
LEKIYIHPRYNWRENLDRDIALMKLKKPVAFSDYIHPVCLPDRETAASLLQAGYKGRVTGWGNLKETWTANVGKGQPSVL
QVVNLPIVERPVCKDSTRIRITDNMFCAGYKPDEGKRGDACEGDSGGPFVMKSPFNNRWYQMGIVSWGEGCDRDGKYGFY
THVFRLKKWIQKVIDQFGE
;
H
3 'polypeptide(L)' NGDFEEIPEE(TYS)L I
#
loop_
_chem_comp.id
_chem_comp.type
_chem_comp.name
_chem_comp.formula
IGN non-polymer '{[(1R)-2-((2S)-2-{[(3-{[AMINO(IMINO)METHYL]AMINO}PROPYL)AMINO]CARBONYL}PIPERIDINYL)-1-(CYCLOHEXYLMETHYL)-2-OXOETHYL]AMINO}ACETIC ACID' 'C21 H38 N6 O4'
NA non-polymer 'SODIUM ION' 'Na 1'
NAG D-saccharide, beta linking 2-acetamido-2-deoxy-beta-D-glucopyranose 'C8 H15 N O6'
#
# COMPACT_ATOMS: atom_id res chain seq x y z
N ALA A 7 15.34 -5.34 12.48
CA ALA A 7 16.26 -4.22 12.09
C ALA A 7 15.67 -2.89 12.54
N ASP A 8 15.73 -1.89 11.68
CA ASP A 8 15.18 -0.58 12.00
C ASP A 8 13.93 -0.34 11.16
N CYS A 9 13.34 -1.43 10.69
CA CYS A 9 12.14 -1.32 9.86
C CYS A 9 11.02 -0.65 10.66
N GLY A 10 10.16 0.09 9.95
CA GLY A 10 9.04 0.73 10.59
C GLY A 10 9.34 1.91 11.50
N LEU A 11 10.58 2.37 11.52
CA LEU A 11 10.95 3.53 12.34
C LEU A 11 11.33 4.63 11.34
N ARG A 12 10.46 5.63 11.23
CA ARG A 12 10.66 6.72 10.29
C ARG A 12 11.70 7.74 10.71
N PRO A 13 12.66 8.01 9.81
CA PRO A 13 13.75 8.98 10.05
C PRO A 13 13.24 10.34 10.52
N LEU A 14 12.16 10.81 9.92
CA LEU A 14 11.63 12.12 10.28
C LEU A 14 10.59 12.11 11.40
N PHE A 15 10.26 10.92 11.93
CA PHE A 15 9.31 10.87 13.00
C PHE A 15 9.80 10.03 14.19
N GLU A 16 9.59 8.72 14.17
CA GLU A 16 10.05 7.90 15.29
C GLU A 16 11.51 8.10 15.67
N LYS A 17 12.39 8.15 14.68
CA LYS A 17 13.82 8.32 14.92
C LYS A 17 14.14 9.63 15.64
N LYS A 18 13.32 10.65 15.43
CA LYS A 18 13.51 11.96 16.05
C LYS A 18 12.52 12.21 17.19
N SER A 19 11.69 11.20 17.46
CA SER A 19 10.66 11.29 18.50
C SER A 19 9.65 12.40 18.19
N LEU A 20 9.29 12.53 16.92
CA LEU A 20 8.29 13.50 16.50
C LEU A 20 7.12 12.67 16.03
N GLU A 21 5.89 13.09 16.32
CA GLU A 21 4.71 12.35 15.90
C GLU A 21 4.07 13.05 14.73
N ASP A 22 3.46 12.28 13.82
CA ASP A 22 2.77 12.91 12.70
C ASP A 22 1.40 13.37 13.22
N LYS A 23 0.69 14.16 12.44
CA LYS A 23 -0.59 14.72 12.83
C LYS A 23 -1.77 13.80 13.15
N THR A 24 -1.72 12.56 12.70
CA THR A 24 -2.86 11.68 12.94
C THR A 24 -2.55 10.31 13.53
N GLU A 25 -1.28 10.03 13.82
CA GLU A 25 -0.97 8.72 14.36
C GLU A 25 -1.63 8.45 15.70
N ARG A 26 -1.93 9.52 16.45
CA ARG A 26 -2.58 9.35 17.74
C ARG A 26 -3.98 8.73 17.57
N GLU A 27 -4.62 9.03 16.45
CA GLU A 27 -5.95 8.48 16.14
C GLU A 27 -5.85 6.96 16.08
N LEU A 28 -4.74 6.46 15.54
CA LEU A 28 -4.53 5.03 15.43
C LEU A 28 -4.38 4.45 16.84
N LEU A 29 -3.48 5.03 17.62
CA LEU A 29 -3.24 4.57 18.99
C LEU A 29 -4.53 4.53 19.81
N GLU A 30 -5.31 5.60 19.72
CA GLU A 30 -6.56 5.68 20.46
C GLU A 30 -7.57 4.60 20.07
N SER A 31 -7.44 4.06 18.86
CA SER A 31 -8.35 3.01 18.42
C SER A 31 -7.92 1.63 18.93
N TYR A 32 -6.67 1.52 19.38
CA TYR A 32 -6.19 0.23 19.86
C TYR A 32 -6.58 0.09 21.34
N ILE A 33 -7.88 -0.02 21.57
CA ILE A 33 -8.44 -0.12 22.90
C ILE A 33 -8.21 -1.46 23.60
N ILE B 1 -7.00 8.20 -3.29
CA ILE B 1 -7.58 8.23 -1.93
C ILE B 1 -8.73 9.23 -1.88
N VAL B 2 -9.89 8.77 -1.45
CA VAL B 2 -11.04 9.66 -1.35
C VAL B 2 -11.23 10.12 0.09
N GLU B 3 -11.47 11.41 0.27
CA GLU B 3 -11.69 12.00 1.60
C GLU B 3 -10.51 11.84 2.54
N GLY B 4 -9.30 11.91 1.98
CA GLY B 4 -8.11 11.79 2.80
C GLY B 4 -7.48 13.17 2.99
N SER B 5 -6.17 13.19 3.21
CA SER B 5 -5.46 14.45 3.41
C SER B 5 -4.07 14.35 2.82
N ASP B 6 -3.43 15.50 2.63
CA ASP B 6 -2.07 15.51 2.10
C ASP B 6 -1.18 14.85 3.13
N ALA B 7 -0.26 14.02 2.69
CA ALA B 7 0.65 13.37 3.62
C ALA B 7 1.69 14.40 4.04
N GLU B 8 2.31 14.18 5.20
CA GLU B 8 3.35 15.08 5.67
C GLU B 8 4.63 14.54 5.02
N ILE B 9 5.65 15.37 4.95
CA ILE B 9 6.92 14.96 4.36
C ILE B 9 7.53 13.83 5.20
N GLY B 10 7.93 12.75 4.53
CA GLY B 10 8.53 11.62 5.22
C GLY B 10 7.57 10.81 6.07
N MET B 11 6.27 11.06 5.91
CA MET B 11 5.25 10.36 6.67
C MET B 11 5.10 8.87 6.30
N SER B 12 5.38 8.54 5.04
CA SER B 12 5.27 7.17 4.57
C SER B 12 6.50 6.85 3.72
N PRO B 13 7.70 6.81 4.34
CA PRO B 13 8.96 6.54 3.65
C PRO B 13 9.09 5.21 2.91
N TRP B 14 8.14 4.30 3.13
CA TRP B 14 8.15 3.01 2.45
C TRP B 14 7.24 3.05 1.22
N GLN B 15 6.61 4.20 1.00
CA GLN B 15 5.71 4.32 -0.14
C GLN B 15 6.48 4.18 -1.44
N VAL B 16 5.92 3.42 -2.37
CA VAL B 16 6.55 3.20 -3.66
C VAL B 16 5.52 3.44 -4.76
N MET B 17 5.96 4.04 -5.86
CA MET B 17 5.08 4.29 -6.99
C MET B 17 5.51 3.38 -8.13
N LEU B 18 4.59 2.61 -8.68
CA LEU B 18 4.92 1.76 -9.81
C LEU B 18 4.67 2.64 -11.02
N PHE B 19 5.71 2.81 -11.83
CA PHE B 19 5.65 3.70 -12.99
C PHE B 19 5.87 2.95 -14.30
N ARG B 20 5.00 3.21 -15.26
CA ARG B 20 5.08 2.58 -16.59
C ARG B 20 6.08 3.38 -17.42
N LYS B 21 7.02 2.69 -18.07
CA LYS B 21 8.03 3.34 -18.89
C LYS B 21 7.46 4.06 -20.10
N SER B 22 7.16 3.29 -21.15
CA SER B 22 6.61 3.85 -22.39
C SER B 22 5.54 4.91 -22.10
N PRO B 23 4.24 4.53 -22.04
CA PRO B 23 3.39 5.69 -21.75
C PRO B 23 3.64 6.05 -20.28
N GLN B 24 4.56 6.97 -20.03
CA GLN B 24 4.88 7.37 -18.66
C GLN B 24 3.61 7.72 -17.90
N GLU B 25 3.23 6.85 -16.97
CA GLU B 25 2.03 7.07 -16.17
C GLU B 25 2.08 6.27 -14.88
N LEU B 26 1.17 6.60 -13.96
CA LEU B 26 1.07 5.93 -12.68
C LEU B 26 0.44 4.56 -12.91
N LEU B 27 1.07 3.51 -12.43
CA LEU B 27 0.51 2.17 -12.60
C LEU B 27 -0.13 1.66 -11.32
N CYS B 28 0.51 1.95 -10.19
CA CYS B 28 0.01 1.49 -8.90
C CYS B 28 0.88 1.98 -7.76
N GLY B 29 0.45 1.63 -6.55
CA GLY B 29 1.19 1.95 -5.36
C GLY B 29 1.92 0.66 -5.01
N ALA B 30 2.83 0.73 -4.06
CA ALA B 30 3.61 -0.43 -3.64
C ALA B 30 4.31 -0.02 -2.35
N SER B 31 5.07 -0.93 -1.76
CA SER B 31 5.75 -0.61 -0.52
C SER B 31 7.15 -1.22 -0.48
N LEU B 32 8.06 -0.54 0.22
CA LEU B 32 9.44 -1.01 0.33
C LEU B 32 9.60 -1.85 1.60
N ILE B 33 9.96 -3.13 1.44
CA ILE B 33 10.12 -3.98 2.62
C ILE B 33 11.58 -4.33 2.97
N SER B 34 12.52 -3.88 2.14
CA SER B 34 13.96 -4.09 2.36
C SER B 34 14.65 -3.26 1.29
N ASP B 35 15.99 -3.22 1.29
CA ASP B 35 16.67 -2.40 0.29
C ASP B 35 16.57 -2.94 -1.13
N ARG B 36 16.07 -4.16 -1.28
CA ARG B 36 15.94 -4.75 -2.62
C ARG B 36 14.59 -5.36 -2.96
N TRP B 37 13.65 -5.36 -2.02
CA TRP B 37 12.33 -5.93 -2.30
C TRP B 37 11.16 -4.96 -2.13
N VAL B 38 10.24 -5.02 -3.10
CA VAL B 38 9.06 -4.17 -3.10
C VAL B 38 7.83 -5.07 -3.13
N LEU B 39 6.85 -4.72 -2.31
CA LEU B 39 5.61 -5.48 -2.19
C LEU B 39 4.46 -4.72 -2.85
N THR B 40 3.57 -5.45 -3.54
CA THR B 40 2.44 -4.82 -4.19
C THR B 40 1.33 -5.83 -4.43
N ALA B 41 0.26 -5.38 -5.08
CA ALA B 41 -0.86 -6.26 -5.39
C ALA B 41 -0.58 -7.00 -6.68
N ALA B 42 -0.98 -8.27 -6.73
CA ALA B 42 -0.76 -9.05 -7.93
C ALA B 42 -1.49 -8.44 -9.12
N HIS B 43 -2.66 -7.86 -8.90
CA HIS B 43 -3.42 -7.30 -10.01
C HIS B 43 -2.77 -6.06 -10.61
N CYS B 44 -1.74 -5.53 -9.97
CA CYS B 44 -1.04 -4.36 -10.50
C CYS B 44 -0.15 -4.80 -11.65
N LEU B 45 0.20 -6.09 -11.66
CA LEU B 45 1.07 -6.63 -12.68
C LEU B 45 0.38 -7.61 -13.62
N LEU B 46 -0.58 -8.37 -13.08
CA LEU B 46 -1.28 -9.35 -13.87
C LEU B 46 -2.78 -9.32 -13.69
N TYR B 47 -3.49 -9.05 -14.78
CA TYR B 47 -4.94 -9.01 -14.74
C TYR B 47 -5.49 -9.20 -16.16
N PRO B 48 -5.58 -10.46 -16.59
CA PRO B 48 -6.07 -10.86 -17.92
C PRO B 48 -7.36 -10.20 -18.40
N PRO B 49 -8.35 -10.01 -17.50
CA PRO B 49 -9.59 -9.37 -17.93
C PRO B 49 -9.38 -8.04 -18.64
N TRP B 50 -8.32 -7.33 -18.26
CA TRP B 50 -8.00 -6.03 -18.86
C TRP B 50 -6.72 -6.13 -19.70
N ASP B 51 -6.31 -7.36 -19.99
CA ASP B 51 -5.10 -7.61 -20.77
C ASP B 51 -3.85 -7.01 -20.13
N LYS B 52 -3.78 -7.05 -18.81
CA LYS B 52 -2.60 -6.54 -18.11
C LYS B 52 -1.69 -7.71 -17.79
N ASN B 53 -0.44 -7.61 -18.19
CA ASN B 53 0.55 -8.66 -17.94
C ASN B 53 1.93 -8.08 -18.14
N PHE B 54 2.35 -7.22 -17.21
CA PHE B 54 3.66 -6.57 -17.30
C PHE B 54 4.85 -7.48 -17.02
N THR B 55 5.98 -7.13 -17.62
CA THR B 55 7.23 -7.86 -17.41
C THR B 55 8.16 -6.88 -16.71
N GLU B 56 9.29 -7.37 -16.21
CA GLU B 56 10.26 -6.54 -15.52
C GLU B 56 10.58 -5.23 -16.25
N ASN B 57 10.72 -5.32 -17.57
CA ASN B 57 11.08 -4.16 -18.37
C ASN B 57 10.02 -3.14 -18.70
N ASP B 58 8.76 -3.45 -18.42
CA ASP B 58 7.69 -2.51 -18.73
C ASP B 58 7.57 -1.36 -17.74
N LEU B 59 8.19 -1.49 -16.57
CA LEU B 59 8.06 -0.42 -15.58
C LEU B 59 9.28 -0.11 -14.73
N LEU B 60 9.11 0.91 -13.89
CA LEU B 60 10.12 1.38 -12.97
C LEU B 60 9.43 1.62 -11.63
N VAL B 61 10.19 1.61 -10.54
CA VAL B 61 9.63 1.90 -9.23
C VAL B 61 10.29 3.19 -8.78
N ARG B 62 9.48 4.13 -8.32
CA ARG B 62 9.96 5.42 -7.84
C ARG B 62 9.74 5.48 -6.33
N ILE B 63 10.85 5.55 -5.59
CA ILE B 63 10.84 5.54 -4.14
C ILE B 63 11.22 6.90 -3.53
N GLY B 64 10.62 7.21 -2.38
CA GLY B 64 10.90 8.47 -1.70
C GLY B 64 10.10 9.65 -2.20
N LYS B 65 9.03 9.38 -2.93
CA LYS B 65 8.20 10.45 -3.50
C LYS B 65 7.12 11.05 -2.60
N HIS B 66 6.71 12.27 -2.97
CA HIS B 66 5.66 13.00 -2.27
C HIS B 66 4.75 13.55 -3.36
N SER B 67 5.33 14.32 -4.27
CA SER B 67 4.57 14.87 -5.37
C SER B 67 4.22 13.73 -6.33
N ARG B 68 3.01 13.74 -6.85
CA ARG B 68 2.57 12.70 -7.79
C ARG B 68 3.27 12.78 -9.15
N THR B 69 3.23 13.95 -9.76
CA THR B 69 3.78 14.15 -11.10
C THR B 69 5.20 14.69 -11.28
N ARG B 70 5.69 15.48 -10.34
CA ARG B 70 7.03 16.05 -10.50
C ARG B 70 8.16 15.05 -10.31
N TYR B 71 9.29 15.32 -10.95
CA TYR B 71 10.47 14.47 -10.77
C TYR B 71 11.17 15.14 -9.58
N GLU B 72 11.14 14.48 -8.43
CA GLU B 72 11.72 15.04 -7.22
C GLU B 72 13.22 14.79 -7.07
N ARG B 73 13.97 15.65 -7.76
CA ARG B 73 15.42 15.64 -7.82
C ARG B 73 16.07 15.69 -6.44
N ASN B 74 17.08 14.85 -6.23
CA ASN B 74 17.81 14.81 -4.95
C ASN B 74 16.98 14.20 -3.81
N ILE B 75 15.79 13.71 -4.12
CA ILE B 75 14.94 13.13 -3.09
C ILE B 75 14.47 11.72 -3.46
N GLU B 76 13.74 11.62 -4.56
CA GLU B 76 13.25 10.31 -4.99
C GLU B 76 14.36 9.55 -5.68
N LYS B 77 14.23 8.23 -5.69
CA LYS B 77 15.20 7.35 -6.34
C LYS B 77 14.39 6.43 -7.26
N ILE B 78 14.87 6.26 -8.49
CA ILE B 78 14.20 5.42 -9.47
C ILE B 78 14.98 4.13 -9.65
N SER B 79 14.29 2.99 -9.53
CA SER B 79 14.93 1.69 -9.66
C SER B 79 14.32 0.83 -10.75
N MET B 80 15.13 -0.04 -11.34
CA MET B 80 14.69 -0.95 -12.36
C MET B 80 14.43 -2.30 -11.71
N LEU B 81 13.55 -3.09 -12.31
CA LEU B 81 13.21 -4.39 -11.76
C LEU B 81 14.04 -5.53 -12.32
N GLU B 82 14.52 -6.39 -11.43
CA GLU B 82 15.30 -7.54 -11.86
C GLU B 82 14.33 -8.68 -12.13
N LYS B 83 13.34 -8.85 -11.25
CA LYS B 83 12.37 -9.91 -11.43
C LYS B 83 11.07 -9.68 -10.66
N ILE B 84 9.97 -10.15 -11.24
CA ILE B 84 8.65 -10.03 -10.64
C ILE B 84 8.22 -11.42 -10.18
N TYR B 85 7.56 -11.48 -9.02
CA TYR B 85 7.08 -12.75 -8.49
C TYR B 85 5.63 -12.59 -8.07
N ILE B 86 4.74 -13.34 -8.71
CA ILE B 86 3.32 -13.26 -8.40
C ILE B 86 2.90 -14.53 -7.65
N HIS B 87 2.07 -14.37 -6.62
CA HIS B 87 1.64 -15.54 -5.86
C HIS B 87 1.05 -16.59 -6.81
N PRO B 88 1.57 -17.82 -6.75
CA PRO B 88 1.11 -18.92 -7.62
C PRO B 88 -0.39 -19.23 -7.55
N ARG B 89 -1.04 -18.88 -6.45
CA ARG B 89 -2.47 -19.14 -6.34
C ARG B 89 -3.33 -17.88 -6.38
N TYR B 90 -2.78 -16.82 -6.93
CA TYR B 90 -3.50 -15.56 -7.09
C TYR B 90 -4.72 -15.83 -7.97
N ASN B 91 -5.91 -15.53 -7.44
CA ASN B 91 -7.17 -15.79 -8.16
C ASN B 91 -7.73 -14.56 -8.87
N TRP B 92 -7.23 -14.27 -10.07
CA TRP B 92 -7.72 -13.13 -10.82
C TRP B 92 -9.04 -13.42 -11.53
N ARG B 93 -9.40 -14.70 -11.60
CA ARG B 93 -10.64 -15.09 -12.27
C ARG B 93 -11.90 -14.77 -11.50
N GLU B 94 -11.84 -14.87 -10.18
CA GLU B 94 -13.02 -14.64 -9.37
C GLU B 94 -13.08 -13.49 -8.37
N ASN B 95 -12.19 -13.50 -7.38
CA ASN B 95 -12.24 -12.48 -6.34
C ASN B 95 -10.92 -11.88 -5.89
N LEU B 96 -9.87 -12.05 -6.69
CA LEU B 96 -8.56 -11.51 -6.35
C LEU B 96 -7.99 -12.14 -5.07
N ASP B 97 -8.34 -13.40 -4.82
CA ASP B 97 -7.81 -14.09 -3.64
C ASP B 97 -6.30 -14.16 -3.80
N ARG B 98 -5.58 -13.93 -2.70
CA ARG B 98 -4.11 -13.93 -2.67
C ARG B 98 -3.55 -12.90 -3.63
N ASP B 99 -4.09 -11.68 -3.55
CA ASP B 99 -3.68 -10.56 -4.41
C ASP B 99 -2.38 -9.97 -3.87
N ILE B 100 -1.26 -10.62 -4.19
CA ILE B 100 0.02 -10.16 -3.68
C ILE B 100 1.14 -10.52 -4.65
N ALA B 101 2.15 -9.66 -4.72
CA ALA B 101 3.29 -9.89 -5.60
C ALA B 101 4.53 -9.20 -5.04
N LEU B 102 5.69 -9.74 -5.41
CA LEU B 102 6.97 -9.20 -4.98
C LEU B 102 7.78 -8.77 -6.21
N MET B 103 8.60 -7.73 -6.03
CA MET B 103 9.45 -7.24 -7.10
C MET B 103 10.85 -7.04 -6.55
N LYS B 104 11.83 -7.70 -7.16
CA LYS B 104 13.21 -7.58 -6.72
C LYS B 104 13.88 -6.49 -7.56
N LEU B 105 14.53 -5.55 -6.88
CA LEU B 105 15.19 -4.46 -7.58
C LEU B 105 16.54 -4.92 -8.11
N LYS B 106 17.00 -4.32 -9.21
CA LYS B 106 18.29 -4.70 -9.76
C LYS B 106 19.42 -4.37 -8.79
N LYS B 107 19.32 -3.22 -8.14
CA LYS B 107 20.33 -2.78 -7.17
C LYS B 107 19.65 -2.32 -5.89
N PRO B 108 20.31 -2.47 -4.75
CA PRO B 108 19.67 -2.03 -3.51
C PRO B 108 19.49 -0.51 -3.54
N VAL B 109 18.38 -0.02 -3.00
CA VAL B 109 18.14 1.41 -2.95
C VAL B 109 18.76 1.93 -1.66
N ALA B 110 19.23 3.16 -1.68
CA ALA B 110 19.84 3.76 -0.50
C ALA B 110 18.77 4.39 0.39
N PHE B 111 18.77 4.04 1.68
CA PHE B 111 17.80 4.61 2.59
C PHE B 111 18.18 6.05 2.87
N SER B 112 17.17 6.85 3.22
CA SER B 112 17.37 8.27 3.52
C SER B 112 16.23 8.72 4.42
N ASP B 113 16.11 10.03 4.62
CA ASP B 113 15.04 10.58 5.43
C ASP B 113 13.69 10.30 4.77
N TYR B 114 13.70 10.10 3.46
CA TYR B 114 12.46 9.88 2.71
C TYR B 114 12.25 8.45 2.20
N ILE B 115 13.27 7.61 2.36
CA ILE B 115 13.23 6.22 1.90
C ILE B 115 13.57 5.30 3.04
N HIS B 116 12.60 4.51 3.49
CA HIS B 116 12.81 3.61 4.61
C HIS B 116 11.80 2.46 4.56
N PRO B 117 12.24 1.23 4.85
CA PRO B 117 11.35 0.08 4.81
C PRO B 117 10.35 -0.07 5.96
N VAL B 118 9.19 -0.63 5.64
CA VAL B 118 8.15 -0.86 6.64
C VAL B 118 8.30 -2.30 7.13
N CYS B 119 7.84 -2.60 8.34
CA CYS B 119 7.95 -3.97 8.87
C CYS B 119 6.81 -4.86 8.39
N LEU B 120 7.08 -6.16 8.35
CA LEU B 120 6.06 -7.14 8.00
C LEU B 120 5.73 -7.79 9.33
N PRO B 121 4.43 -8.00 9.60
CA PRO B 121 3.96 -8.61 10.86
C PRO B 121 4.25 -10.08 11.12
N ASP B 122 4.41 -10.40 12.39
CA ASP B 122 4.63 -11.78 12.82
C ASP B 122 3.26 -12.21 13.30
N ARG B 123 3.08 -13.49 13.61
CA ARG B 123 1.77 -13.97 14.07
C ARG B 123 1.15 -13.18 15.22
N GLU B 124 1.95 -12.87 16.24
CA GLU B 124 1.42 -12.14 17.39
C GLU B 124 1.03 -10.71 17.06
N THR B 125 1.83 -10.05 16.21
CA THR B 125 1.53 -8.69 15.82
C THR B 125 0.18 -8.68 15.10
N ALA B 126 0.02 -9.60 14.15
CA ALA B 126 -1.23 -9.69 13.40
C ALA B 126 -2.39 -9.94 14.35
N ALA B 127 -2.25 -10.96 15.19
CA ALA B 127 -3.29 -11.32 16.14
C ALA B 127 -3.73 -10.15 17.00
N SER B 128 -2.78 -9.39 17.52
CA SER B 128 -3.10 -8.28 18.38
C SER B 128 -3.64 -7.01 17.72
N LEU B 129 -3.22 -6.73 16.49
CA LEU B 129 -3.68 -5.51 15.82
C LEU B 129 -4.85 -5.65 14.86
N LEU B 130 -5.00 -6.82 14.25
CA LEU B 130 -6.10 -7.02 13.31
C LEU B 130 -7.41 -7.31 14.01
N GLN B 131 -8.01 -6.25 14.57
CA GLN B 131 -9.26 -6.38 15.28
C GLN B 131 -10.24 -5.31 14.81
N ALA B 132 -11.52 -5.68 14.74
CA ALA B 132 -12.55 -4.74 14.32
C ALA B 132 -12.44 -3.51 15.21
N GLY B 133 -12.49 -2.32 14.61
CA GLY B 133 -12.37 -1.10 15.40
C GLY B 133 -10.97 -0.50 15.34
N TYR B 134 -9.95 -1.35 15.29
CA TYR B 134 -8.57 -0.90 15.23
C TYR B 134 -8.32 -0.20 13.89
N LYS B 135 -7.73 0.98 13.93
CA LYS B 135 -7.50 1.73 12.70
C LYS B 135 -6.14 1.53 12.06
N GLY B 136 -6.14 1.52 10.73
CA GLY B 136 -4.91 1.38 9.97
C GLY B 136 -4.81 2.62 9.10
N ARG B 137 -3.72 2.74 8.34
CA ARG B 137 -3.51 3.89 7.48
C ARG B 137 -3.24 3.47 6.03
N VAL B 138 -3.97 4.08 5.10
CA VAL B 138 -3.80 3.76 3.68
C VAL B 138 -3.31 5.01 2.94
N THR B 139 -2.34 4.82 2.06
CA THR B 139 -1.76 5.93 1.30
C THR B 139 -1.67 5.64 -0.20
N GLY B 140 -1.75 6.69 -1.00
CA GLY B 140 -1.65 6.51 -2.44
C GLY B 140 -1.82 7.78 -3.24
N TRP B 141 -1.54 7.69 -4.54
CA TRP B 141 -1.65 8.83 -5.44
C TRP B 141 -2.85 8.65 -6.36
N GLY B 142 -3.77 7.77 -5.96
CA GLY B 142 -4.96 7.50 -6.75
C GLY B 142 -6.04 8.56 -6.72
N ASN B 143 -7.12 8.31 -7.46
CA ASN B 143 -8.25 9.21 -7.57
C ASN B 143 -8.76 9.76 -6.24
N LEU B 144 -9.13 11.04 -6.25
CA LEU B 144 -9.66 11.71 -5.08
C LEU B 144 -11.17 11.50 -5.02
N LYS B 145 -11.73 11.01 -6.12
CA LYS B 145 -13.17 10.74 -6.20
C LYS B 145 -13.44 9.58 -7.14
N GLU B 146 -14.56 8.88 -6.91
CA GLU B 146 -14.91 7.75 -7.75
C GLU B 146 -14.98 8.12 -9.23
N THR B 147 -15.55 9.28 -9.53
CA THR B 147 -15.67 9.73 -10.91
C THR B 147 -15.27 11.19 -11.07
N GLY B 155 -9.66 15.65 -9.39
CA GLY B 155 -9.51 14.26 -9.91
C GLY B 155 -8.27 13.55 -9.40
N GLN B 156 -7.10 14.10 -9.72
CA GLN B 156 -5.82 13.51 -9.30
C GLN B 156 -5.21 14.42 -8.25
N PRO B 157 -4.55 13.85 -7.24
CA PRO B 157 -3.94 14.68 -6.20
C PRO B 157 -2.58 15.25 -6.61
N SER B 158 -2.19 16.34 -5.97
CA SER B 158 -0.89 16.96 -6.25
C SER B 158 0.20 16.20 -5.50
N VAL B 159 -0.11 15.77 -4.28
CA VAL B 159 0.85 15.03 -3.47
C VAL B 159 0.21 13.78 -2.83
N LEU B 160 1.05 12.92 -2.30
CA LEU B 160 0.60 11.68 -1.67
C LEU B 160 -0.53 11.96 -0.69
N GLN B 161 -1.58 11.13 -0.76
CA GLN B 161 -2.74 11.28 0.10
C GLN B 161 -2.73 10.22 1.20
N VAL B 162 -3.34 10.53 2.33
CA VAL B 162 -3.40 9.60 3.46
C VAL B 162 -4.76 9.62 4.14
N VAL B 163 -5.19 8.44 4.63
CA VAL B 163 -6.46 8.34 5.35
C VAL B 163 -6.39 7.17 6.33
N ASN B 164 -6.89 7.39 7.53
CA ASN B 164 -6.91 6.35 8.56
C ASN B 164 -8.30 5.73 8.55
N LEU B 165 -8.37 4.41 8.55
CA LEU B 165 -9.64 3.69 8.51
C LEU B 165 -9.68 2.51 9.46
N PRO B 166 -10.83 2.29 10.11
CA PRO B 166 -10.99 1.17 11.04
C PRO B 166 -11.27 -0.15 10.35
N ILE B 167 -10.68 -1.22 10.89
CA ILE B 167 -10.89 -2.56 10.36
C ILE B 167 -12.34 -2.92 10.69
N VAL B 168 -13.01 -3.61 9.77
CA VAL B 168 -14.42 -3.96 9.96
C VAL B 168 -14.64 -5.45 10.23
N GLU B 169 -15.67 -5.77 11.03
CA GLU B 169 -16.00 -7.15 11.37
C GLU B 169 -16.25 -7.96 10.11
N ARG B 170 -15.77 -9.21 10.07
CA ARG B 170 -15.92 -10.07 8.91
C ARG B 170 -17.37 -10.21 8.42
N PRO B 171 -18.33 -10.41 9.34
CA PRO B 171 -19.74 -10.54 8.92
C PRO B 171 -20.19 -9.32 8.14
N VAL B 172 -19.78 -8.14 8.61
CA VAL B 172 -20.16 -6.90 7.95
C VAL B 172 -19.51 -6.77 6.58
N CYS B 173 -18.25 -7.17 6.46
CA CYS B 173 -17.57 -7.12 5.18
C CYS B 173 -18.33 -7.99 4.18
N LYS B 174 -18.63 -9.22 4.61
CA LYS B 174 -19.32 -10.20 3.80
C LYS B 174 -20.70 -9.73 3.31
N ASP B 175 -21.47 -9.14 4.22
CA ASP B 175 -22.82 -8.67 3.91
C ASP B 175 -22.87 -7.38 3.09
N SER B 176 -21.70 -6.82 2.79
CA SER B 176 -21.67 -5.58 2.03
C SER B 176 -21.42 -5.81 0.55
N THR B 177 -21.18 -7.06 0.19
CA THR B 177 -20.85 -7.37 -1.21
C THR B 177 -21.36 -8.74 -1.66
N ARG B 178 -21.37 -8.94 -2.97
CA ARG B 178 -21.80 -10.23 -3.53
C ARG B 178 -20.55 -11.06 -3.81
N ILE B 179 -19.39 -10.41 -3.75
CA ILE B 179 -18.13 -11.10 -3.98
C ILE B 179 -17.83 -12.03 -2.83
N ARG B 180 -17.29 -13.20 -3.13
CA ARG B 180 -16.94 -14.17 -2.09
C ARG B 180 -15.66 -13.70 -1.39
N ILE B 181 -15.74 -13.56 -0.08
CA ILE B 181 -14.60 -13.12 0.72
C ILE B 181 -13.83 -14.32 1.25
N THR B 182 -12.52 -14.19 1.37
CA THR B 182 -11.70 -15.29 1.89
C THR B 182 -10.91 -14.83 3.11
N ASP B 183 -10.22 -15.78 3.74
CA ASP B 183 -9.41 -15.49 4.92
C ASP B 183 -8.15 -14.69 4.54
N ASN B 184 -7.88 -14.59 3.25
CA ASN B 184 -6.70 -13.85 2.78
C ASN B 184 -7.03 -12.39 2.52
N MET B 185 -8.20 -11.96 3.00
CA MET B 185 -8.67 -10.59 2.85
C MET B 185 -9.26 -10.08 4.16
N PHE B 186 -9.38 -8.77 4.27
CA PHE B 186 -10.03 -8.13 5.41
C PHE B 186 -10.50 -6.80 4.83
N CYS B 187 -11.56 -6.22 5.39
CA CYS B 187 -12.03 -4.95 4.85
C CYS B 187 -11.94 -3.87 5.91
N ALA B 188 -11.86 -2.62 5.47
CA ALA B 188 -11.76 -1.49 6.37
C ALA B 188 -12.57 -0.31 5.83
N GLY B 189 -12.96 0.59 6.72
CA GLY B 189 -13.73 1.75 6.31
C GLY B 189 -14.81 2.02 7.34
N TYR B 190 -15.30 3.26 7.35
CA TYR B 190 -16.35 3.63 8.29
C TYR B 190 -17.71 3.16 7.81
N LYS B 191 -18.63 2.95 8.75
CA LYS B 191 -19.99 2.54 8.44
C LYS B 191 -20.78 3.84 8.30
N PRO B 192 -21.93 3.79 7.61
CA PRO B 192 -22.75 5.00 7.43
C PRO B 192 -23.08 5.76 8.71
N ASP B 193 -23.41 5.02 9.77
CA ASP B 193 -23.78 5.64 11.03
C ASP B 193 -22.59 6.20 11.82
N GLU B 194 -21.38 5.98 11.31
CA GLU B 194 -20.19 6.46 11.98
C GLU B 194 -19.80 7.86 11.49
N GLY B 195 -20.49 8.33 10.46
CA GLY B 195 -20.24 9.66 9.93
C GLY B 195 -18.99 9.85 9.09
N LYS B 196 -17.82 9.69 9.70
CA LYS B 196 -16.55 9.87 8.99
C LYS B 196 -16.49 9.04 7.70
N ARG B 197 -15.67 9.48 6.76
CA ARG B 197 -15.53 8.80 5.47
C ARG B 197 -14.07 8.46 5.12
N GLY B 198 -13.87 7.95 3.91
CA GLY B 198 -12.54 7.61 3.47
C GLY B 198 -12.44 6.24 2.84
N ASP B 199 -11.61 6.12 1.81
CA ASP B 199 -11.43 4.86 1.10
C ASP B 199 -10.31 5.04 0.09
N ALA B 200 -9.76 3.93 -0.38
CA ALA B 200 -8.74 3.98 -1.41
C ALA B 200 -9.57 4.05 -2.68
N CYS B 201 -8.95 4.32 -3.81
CA CYS B 201 -9.69 4.40 -5.06
C CYS B 201 -8.79 3.98 -6.21
N GLU B 202 -9.28 4.11 -7.45
CA GLU B 202 -8.49 3.74 -8.62
C GLU B 202 -7.12 4.41 -8.53
N GLY B 203 -6.06 3.65 -8.78
CA GLY B 203 -4.72 4.18 -8.72
C GLY B 203 -4.00 3.91 -7.39
N ASP B 204 -4.79 3.57 -6.37
CA ASP B 204 -4.26 3.28 -5.04
C ASP B 204 -3.90 1.81 -4.89
N SER B 205 -4.30 1.00 -5.87
CA SER B 205 -4.01 -0.43 -5.90
C SER B 205 -2.56 -0.73 -5.60
N GLY B 206 -2.34 -1.74 -4.78
CA GLY B 206 -0.99 -2.16 -4.44
C GLY B 206 -0.35 -1.41 -3.29
N GLY B 207 -0.96 -0.31 -2.88
CA GLY B 207 -0.44 0.49 -1.78
C GLY B 207 -0.57 -0.20 -0.45
N PRO B 208 0.11 0.31 0.60
CA PRO B 208 0.05 -0.30 1.92
C PRO B 208 -1.03 0.17 2.89
N PHE B 209 -1.52 -0.78 3.69
CA PHE B 209 -2.48 -0.49 4.76
C PHE B 209 -1.58 -0.77 5.97
N VAL B 210 -1.15 0.27 6.67
CA VAL B 210 -0.25 0.08 7.81
C VAL B 210 -0.85 0.41 9.16
N MET B 211 -0.22 -0.12 10.21
CA MET B 211 -0.64 0.10 11.59
C MET B 211 0.61 0.30 12.43
N LYS B 212 0.54 1.17 13.43
CA LYS B 212 1.71 1.40 14.28
C LYS B 212 1.54 0.61 15.58
N SER B 213 2.41 -0.36 15.80
CA SER B 213 2.33 -1.17 17.00
C SER B 213 2.49 -0.34 18.26
N PRO B 214 1.54 -0.46 19.20
CA PRO B 214 1.66 0.31 20.43
C PRO B 214 2.64 -0.38 21.38
N PHE B 215 3.08 -1.58 20.99
CA PHE B 215 4.00 -2.37 21.79
C PHE B 215 5.47 -1.99 21.54
N ASN B 216 5.87 -1.90 20.28
CA ASN B 216 7.25 -1.55 19.97
C ASN B 216 7.36 -0.27 19.14
N ASN B 217 6.20 0.37 18.95
CA ASN B 217 6.09 1.62 18.22
C ASN B 217 6.69 1.66 16.82
N ARG B 218 6.58 0.53 16.13
CA ARG B 218 7.08 0.40 14.76
C ARG B 218 5.88 0.25 13.82
N TRP B 219 6.05 0.68 12.58
CA TRP B 219 4.97 0.57 11.60
C TRP B 219 5.02 -0.79 10.92
N TYR B 220 3.86 -1.44 10.84
CA TYR B 220 3.73 -2.74 10.21
C TYR B 220 2.74 -2.69 9.06
N GLN B 221 3.07 -3.32 7.94
CA GLN B 221 2.13 -3.33 6.83
C GLN B 221 1.23 -4.55 7.00
N MET B 222 -0.03 -4.29 7.33
CA MET B 222 -0.98 -5.36 7.56
C MET B 222 -1.77 -5.74 6.31
N GLY B 223 -1.92 -4.79 5.38
CA GLY B 223 -2.67 -5.09 4.18
C GLY B 223 -2.14 -4.41 2.93
N ILE B 224 -2.72 -4.80 1.78
CA ILE B 224 -2.37 -4.22 0.49
C ILE B 224 -3.70 -3.83 -0.16
N VAL B 225 -3.78 -2.63 -0.72
CA VAL B 225 -5.02 -2.17 -1.36
C VAL B 225 -5.32 -3.17 -2.48
N SER B 226 -6.44 -3.87 -2.36
CA SER B 226 -6.80 -4.89 -3.35
C SER B 226 -8.03 -4.54 -4.21
N TRP B 227 -9.20 -4.43 -3.60
CA TRP B 227 -10.39 -4.12 -4.38
C TRP B 227 -11.48 -3.41 -3.60
N GLY B 228 -12.45 -2.90 -4.35
CA GLY B 228 -13.58 -2.20 -3.77
C GLY B 228 -14.63 -1.99 -4.85
N GLU B 229 -15.85 -1.69 -4.45
CA GLU B 229 -16.92 -1.48 -5.41
C GLU B 229 -17.27 0.00 -5.33
N GLY B 230 -16.81 0.75 -6.32
CA GLY B 230 -17.01 2.17 -6.30
C GLY B 230 -15.95 2.66 -5.32
N CYS B 231 -16.05 3.91 -4.88
CA CYS B 231 -15.10 4.45 -3.92
C CYS B 231 -15.79 5.30 -2.89
N ASP B 232 -15.55 4.98 -1.63
CA ASP B 232 -16.13 5.70 -0.50
C ASP B 232 -17.65 5.73 -0.53
N ARG B 233 -18.26 4.63 -0.97
CA ARG B 233 -19.72 4.55 -1.00
C ARG B 233 -20.25 4.07 0.34
N ASP B 234 -21.38 4.64 0.77
CA ASP B 234 -21.99 4.23 2.03
C ASP B 234 -22.35 2.75 1.90
N GLY B 235 -22.15 1.99 2.98
CA GLY B 235 -22.47 0.58 2.94
C GLY B 235 -21.42 -0.29 2.27
N LYS B 236 -20.42 0.35 1.66
CA LYS B 236 -19.35 -0.40 1.00
C LYS B 236 -18.04 -0.21 1.76
N TYR B 237 -17.11 -1.15 1.56
CA TYR B 237 -15.82 -1.09 2.23
C TYR B 237 -14.69 -1.44 1.29
N GLY B 238 -13.48 -1.05 1.68
CA GLY B 238 -12.33 -1.36 0.86
C GLY B 238 -11.81 -2.70 1.35
N PHE B 239 -11.34 -3.52 0.43
CA PHE B 239 -10.81 -4.82 0.80
C PHE B 239 -9.31 -4.83 0.59
N TYR B 240 -8.61 -5.46 1.52
CA TYR B 240 -7.17 -5.51 1.49
C TYR B 240 -6.61 -6.90 1.60
N THR B 241 -5.48 -7.14 0.95
CA THR B 241 -4.83 -8.43 1.02
C THR B 241 -4.30 -8.59 2.45
N HIS B 242 -4.56 -9.76 3.05
CA HIS B 242 -4.10 -10.04 4.42
C HIS B 242 -2.63 -10.47 4.36
N VAL B 243 -1.74 -9.49 4.53
CA VAL B 243 -0.30 -9.75 4.45
C VAL B 243 0.23 -10.89 5.30
N PHE B 244 -0.13 -10.93 6.58
CA PHE B 244 0.37 -11.99 7.43
C PHE B 244 -0.01 -13.39 6.94
N ARG B 245 -1.25 -13.53 6.48
CA ARG B 245 -1.74 -14.82 5.99
C ARG B 245 -0.91 -15.36 4.83
N LEU B 246 -0.23 -14.46 4.12
CA LEU B 246 0.56 -14.87 2.97
C LEU B 246 2.06 -14.69 3.22
N LYS B 247 2.45 -14.43 4.46
CA LYS B 247 3.86 -14.21 4.75
C LYS B 247 4.74 -15.43 4.45
N LYS B 248 4.18 -16.62 4.60
CA LYS B 248 4.96 -17.83 4.31
C LYS B 248 5.45 -17.80 2.87
N TRP B 249 4.58 -17.39 1.95
CA TRP B 249 4.95 -17.31 0.54
C TRP B 249 6.01 -16.24 0.36
N ILE B 250 5.81 -15.10 1.00
CA ILE B 250 6.75 -13.98 0.92
C ILE B 250 8.15 -14.42 1.36
N GLN B 251 8.22 -15.10 2.50
CA GLN B 251 9.51 -15.55 3.02
C GLN B 251 10.18 -16.56 2.10
N LYS B 252 9.39 -17.47 1.53
CA LYS B 252 9.93 -18.47 0.62
C LYS B 252 10.57 -17.80 -0.58
N VAL B 253 9.89 -16.81 -1.15
CA VAL B 253 10.42 -16.09 -2.31
C VAL B 253 11.71 -15.35 -1.98
N ILE B 254 11.69 -14.61 -0.87
CA ILE B 254 12.86 -13.85 -0.46
C ILE B 254 14.02 -14.78 -0.14
N ASP B 255 13.74 -15.86 0.59
CA ASP B 255 14.78 -16.82 0.92
C ASP B 255 15.29 -17.42 -0.38
N GLN B 256 14.46 -17.33 -1.41
CA GLN B 256 14.78 -17.82 -2.76
C GLN B 256 15.12 -19.29 -2.83
N ASP C 3 0.54 13.85 -17.67
CA ASP C 3 1.02 15.17 -17.18
C ASP C 3 2.17 15.00 -16.20
N PHE C 4 2.95 13.94 -16.38
CA PHE C 4 4.09 13.67 -15.52
C PHE C 4 5.34 14.34 -16.07
N GLU C 5 6.19 14.82 -15.18
CA GLU C 5 7.42 15.47 -15.60
C GLU C 5 8.35 14.37 -16.12
N GLU C 6 9.05 14.66 -17.22
CA GLU C 6 9.97 13.69 -17.80
C GLU C 6 11.05 13.35 -16.78
N ILE C 7 11.39 12.08 -16.68
CA ILE C 7 12.41 11.64 -15.74
C ILE C 7 13.72 11.51 -16.50
N PRO C 8 14.85 11.51 -15.77
CA PRO C 8 16.17 11.40 -16.41
C PRO C 8 16.24 10.21 -17.37
N GLU C 9 16.84 10.44 -18.54
CA GLU C 9 16.96 9.40 -19.53
C GLU C 9 17.75 8.19 -19.06
N GLU C 10 18.64 8.41 -18.10
CA GLU C 10 19.46 7.32 -17.56
C GLU C 10 18.65 6.21 -16.92
N TYS C 11 17.35 6.43 -16.75
CA TYS C 11 16.48 5.42 -16.15
CB TYS C 11 15.53 6.07 -15.13
CG TYS C 11 16.26 6.76 -14.00
CD1 TYS C 11 17.11 6.05 -13.15
CD2 TYS C 11 16.12 8.13 -13.78
CE1 TYS C 11 17.82 6.69 -12.13
CE2 TYS C 11 16.82 8.77 -12.75
CZ TYS C 11 17.66 8.04 -11.94
OH TYS C 11 18.38 8.69 -10.95
S TYS C 11 17.65 8.80 -9.43
O1 TYS C 11 16.34 9.52 -9.55
O2 TYS C 11 17.43 7.42 -8.89
O3 TYS C 11 18.54 9.56 -8.50
C TYS C 11 15.69 4.66 -17.21
O TYS C 11 14.78 3.90 -16.89
N LEU C 12 16.06 4.87 -18.47
CA LEU C 12 15.40 4.21 -19.59
C LEU C 12 13.94 4.59 -19.71
C1 NAG D . 1.99 -13.20 -19.26
C2 NAG D . 1.51 -14.36 -20.12
C3 NAG D . 2.43 -15.56 -19.88
C4 NAG D . 3.89 -15.17 -20.18
C5 NAG D . 4.27 -13.88 -19.42
C6 NAG D . 5.63 -13.34 -19.84
C7 NAG D . -0.25 -15.07 -18.59
C8 NAG D . -1.72 -15.38 -18.40
N2 NAG D . 0.13 -14.69 -19.82
O3 NAG D . 2.04 -16.63 -20.72
O4 NAG D . 4.76 -16.24 -19.78
O5 NAG D . 3.31 -12.83 -19.66
O6 NAG D . 5.88 -12.07 -19.27
O7 NAG D . 0.54 -15.15 -17.65
C1 NAG D . 5.24 -17.06 -20.79
C2 NAG D . 6.75 -16.83 -20.96
C3 NAG D . 7.33 -17.82 -21.97
C4 NAG D . 6.96 -19.25 -21.59
C5 NAG D . 5.44 -19.36 -21.41
C6 NAG D . 5.01 -20.74 -20.94
C7 NAG D . 6.56 -15.02 -22.55
C8 NAG D . 6.88 -13.58 -22.91
N2 NAG D . 7.02 -15.47 -21.39
O3 NAG D . 8.75 -17.70 -22.01
O4 NAG D . 7.39 -20.15 -22.61
O5 NAG D . 4.99 -18.41 -20.42
O6 NAG D . 4.66 -21.56 -22.04
O7 NAG D . 5.89 -15.71 -23.32
NA NA E . -17.89 3.13 2.45
NA NA F . -22.49 -11.07 0.74
C1 IGN G . -9.33 -2.16 -8.13
O2 IGN G . -9.95 -1.23 -8.65
N3 IGN G . -8.56 -1.95 -7.05
C4 IGN G . -8.36 -0.65 -6.39
C5 IGN G . -9.05 -0.60 -5.01
C6 IGN G . -9.47 0.81 -4.65
N7 IGN G . -10.92 0.91 -4.43
C8 IGN G . -11.58 0.88 -3.15
N9 IGN G . -12.91 0.98 -3.12
N10 IGN G . -10.88 0.74 -2.03
N11 IGN G . -10.85 -3.89 -9.27
C12 IGN G . -9.45 -3.61 -8.72
C13 IGN G . -8.34 -3.74 -9.81
C14 IGN G . -8.49 -5.01 -10.67
C15 IGN G . -9.82 -4.98 -11.45
C16 IGN G . -11.01 -4.28 -10.73
O31 IGN G . -11.85 -3.47 -7.25
C32 IGN G . -11.97 -3.79 -8.45
C33 IGN G . -13.46 -4.06 -8.91
C34 IGN G . -14.26 -5.06 -7.97
C51 IGN G . -13.19 -6.94 -9.55
C52 IGN G . -14.02 -6.60 -8.23
C53 IGN G . -13.33 -7.34 -7.03
C54 IGN G . -13.29 -8.89 -7.28
C55 IGN G . -12.49 -9.20 -8.59
C56 IGN G . -13.15 -8.48 -9.80
N21 IGN G . -14.20 -2.76 -8.88
C22 IGN G . -13.88 -1.61 -9.77
C23 IGN G . -14.63 -0.36 -9.34
O24 IGN G . -15.52 -0.43 -8.45
O25 IGN G . -14.36 0.74 -9.87
#